data_6I3C
#
_entry.id   6I3C
#
_cell.length_a   43.694
_cell.length_b   61.749
_cell.length_c   46.071
_cell.angle_alpha   90.00
_cell.angle_beta   116.42
_cell.angle_gamma   90.00
#
_symmetry.space_group_name_H-M   'P 1 21 1'
#
loop_
_entity.id
_entity.type
_entity.pdbx_description
1 polymer 'Catechol O-methyltransferase'
2 non-polymer 'MAGNESIUM ION'
3 non-polymer S-ADENOSYLMETHIONINE
4 non-polymer 3,5-DINITROCATECHOL
5 water water
#
_entity_poly.entity_id   1
_entity_poly.type   'polypeptide(L)'
_entity_poly.pdbx_seq_one_letter_code
;HHHHHHENLYFQGDTKEQRILNHVLQHAEPGNAQSVLEAIDTYCEQKEWAMNVGDKKGKIVDAVIQEHQPSVLLELGAYC
GYSAVRMARLLSPGARLITIEINPDCAAITQRMVDFAGVKDKVTLVVGASQDIIPQLKKKYDVDTLDMVFLDHWKDRYLP
DTLLLEECGLLRKGTVLLADNVICPGAPDFLAHVRGSSCFECTHYQSFLEYREVVDGLEKAIYKGPGSEAGP
;
_entity_poly.pdbx_strand_id   A
#
loop_
_chem_comp.id
_chem_comp.type
_chem_comp.name
_chem_comp.formula
DNC non-polymer 3,5-DINITROCATECHOL 'C6 H4 N2 O6'
MG non-polymer 'MAGNESIUM ION' 'Mg 2'
SAM non-polymer S-ADENOSYLMETHIONINE 'C15 H22 N6 O5 S'
#
# COMPACT_ATOMS: atom_id res chain seq x y z
N GLY A 13 -15.61 -8.49 18.69
CA GLY A 13 -16.09 -8.55 17.31
C GLY A 13 -17.19 -7.55 16.89
N ASP A 14 -17.13 -6.29 17.37
CA ASP A 14 -18.19 -5.31 17.17
C ASP A 14 -18.19 -4.65 15.78
N THR A 15 -17.02 -4.56 15.15
CA THR A 15 -16.87 -4.02 13.81
C THR A 15 -16.35 -5.10 12.83
N LYS A 16 -16.54 -4.86 11.53
CA LYS A 16 -15.98 -5.76 10.51
C LYS A 16 -14.47 -5.91 10.63
N GLU A 17 -13.77 -4.81 10.95
CA GLU A 17 -12.32 -4.85 11.08
C GLU A 17 -11.90 -5.72 12.26
N GLN A 18 -12.58 -5.60 13.41
CA GLN A 18 -12.30 -6.50 14.54
C GLN A 18 -12.55 -7.97 14.16
N ARG A 19 -13.63 -8.25 13.39
CA ARG A 19 -13.97 -9.63 13.04
C ARG A 19 -12.93 -10.23 12.09
N ILE A 20 -12.38 -9.43 11.17
CA ILE A 20 -11.29 -9.90 10.30
C ILE A 20 -10.07 -10.28 11.15
N LEU A 21 -9.66 -9.37 12.06
CA LEU A 21 -8.54 -9.67 12.98
C LEU A 21 -8.80 -10.94 13.79
N ASN A 22 -9.98 -11.07 14.39
CA ASN A 22 -10.25 -12.24 15.22
C ASN A 22 -10.20 -13.53 14.40
N HIS A 23 -10.66 -13.48 13.15
CA HIS A 23 -10.56 -14.67 12.28
C HIS A 23 -9.11 -15.09 12.08
N VAL A 24 -8.22 -14.11 11.82
CA VAL A 24 -6.78 -14.36 11.71
C VAL A 24 -6.23 -14.98 12.99
N LEU A 25 -6.55 -14.37 14.16
CA LEU A 25 -5.98 -14.85 15.41
C LEU A 25 -6.39 -16.30 15.69
N GLN A 26 -7.58 -16.71 15.23
CA GLN A 26 -8.11 -18.06 15.51
C GLN A 26 -7.73 -19.11 14.47
N HIS A 27 -7.38 -18.71 13.25
CA HIS A 27 -7.16 -19.66 12.15
C HIS A 27 -5.77 -19.62 11.54
N ALA A 28 -5.05 -18.49 11.60
CA ALA A 28 -3.73 -18.39 10.99
C ALA A 28 -2.60 -18.80 11.95
N GLU A 29 -1.43 -19.09 11.38
CA GLU A 29 -0.29 -19.57 12.17
C GLU A 29 0.57 -18.38 12.65
N PRO A 30 0.76 -18.18 13.97
CA PRO A 30 1.56 -17.05 14.45
C PRO A 30 2.94 -17.01 13.80
N GLY A 31 3.34 -15.79 13.39
CA GLY A 31 4.64 -15.60 12.77
C GLY A 31 4.72 -15.94 11.29
N ASN A 32 3.62 -16.31 10.64
CA ASN A 32 3.64 -16.76 9.25
C ASN A 32 2.81 -15.77 8.41
N ALA A 33 3.51 -14.91 7.64
CA ALA A 33 2.84 -13.88 6.83
C ALA A 33 1.88 -14.47 5.80
N GLN A 34 2.33 -15.49 5.04
CA GLN A 34 1.47 -16.15 4.07
C GLN A 34 0.16 -16.65 4.69
N SER A 35 0.26 -17.23 5.90
N SER A 35 0.25 -17.24 5.89
CA SER A 35 -0.92 -17.80 6.56
CA SER A 35 -0.97 -17.79 6.50
C SER A 35 -1.92 -16.70 6.91
C SER A 35 -1.93 -16.68 6.91
N VAL A 36 -1.40 -15.54 7.37
CA VAL A 36 -2.24 -14.38 7.69
C VAL A 36 -2.99 -13.89 6.43
N LEU A 37 -2.26 -13.73 5.31
CA LEU A 37 -2.87 -13.24 4.06
C LEU A 37 -3.98 -14.18 3.60
N GLU A 38 -3.73 -15.51 3.62
CA GLU A 38 -4.72 -16.48 3.16
C GLU A 38 -5.97 -16.47 4.05
N ALA A 39 -5.80 -16.31 5.38
CA ALA A 39 -6.97 -16.24 6.26
C ALA A 39 -7.83 -14.99 5.98
N ILE A 40 -7.19 -13.82 5.77
CA ILE A 40 -7.94 -12.60 5.43
C ILE A 40 -8.69 -12.78 4.11
N ASP A 41 -7.98 -13.27 3.07
CA ASP A 41 -8.60 -13.35 1.73
C ASP A 41 -9.80 -14.33 1.74
N THR A 42 -9.67 -15.46 2.46
CA THR A 42 -10.76 -16.43 2.53
C THR A 42 -11.98 -15.84 3.26
N TYR A 43 -11.74 -15.22 4.42
CA TYR A 43 -12.86 -14.63 5.16
C TYR A 43 -13.56 -13.53 4.36
N CYS A 44 -12.78 -12.67 3.69
CA CYS A 44 -13.40 -11.52 3.01
C CYS A 44 -14.14 -11.93 1.73
N GLU A 45 -13.59 -12.90 0.97
CA GLU A 45 -14.28 -13.30 -0.26
C GLU A 45 -15.61 -14.00 0.02
N GLN A 46 -15.70 -14.77 1.12
CA GLN A 46 -16.86 -15.61 1.38
C GLN A 46 -17.83 -15.08 2.41
N LYS A 47 -17.35 -14.31 3.41
CA LYS A 47 -18.18 -13.91 4.55
C LYS A 47 -18.41 -12.41 4.60
N GLU A 48 -17.36 -11.56 4.59
CA GLU A 48 -17.57 -10.10 4.64
C GLU A 48 -16.56 -9.41 3.71
N TRP A 49 -17.03 -8.87 2.58
CA TRP A 49 -16.16 -8.13 1.66
C TRP A 49 -15.49 -6.98 2.42
N ALA A 50 -14.22 -6.73 2.09
CA ALA A 50 -13.52 -5.56 2.66
C ALA A 50 -12.49 -5.09 1.63
N MET A 51 -12.09 -3.79 1.77
CA MET A 51 -11.23 -3.11 0.77
C MET A 51 -9.72 -3.40 0.88
N ASN A 52 -9.33 -4.66 1.10
CA ASN A 52 -7.93 -5.07 1.01
C ASN A 52 -7.53 -5.21 -0.47
N VAL A 53 -6.24 -5.01 -0.82
CA VAL A 53 -5.87 -5.12 -2.26
C VAL A 53 -6.15 -6.57 -2.76
N GLY A 54 -6.03 -7.57 -1.87
CA GLY A 54 -6.42 -8.96 -2.13
C GLY A 54 -5.39 -9.76 -2.94
N ASP A 55 -5.69 -11.05 -3.19
N ASP A 55 -5.76 -11.03 -3.19
CA ASP A 55 -4.65 -11.96 -3.71
CA ASP A 55 -4.83 -12.05 -3.68
C ASP A 55 -4.34 -11.70 -5.18
C ASP A 55 -4.52 -11.89 -5.17
N LYS A 56 -5.36 -11.46 -6.02
N LYS A 56 -5.45 -11.40 -5.98
CA LYS A 56 -5.12 -11.32 -7.45
CA LYS A 56 -5.20 -11.31 -7.42
C LYS A 56 -4.33 -10.06 -7.77
C LYS A 56 -4.38 -10.07 -7.79
N LYS A 57 -4.83 -8.89 -7.33
CA LYS A 57 -4.02 -7.67 -7.51
C LYS A 57 -2.75 -7.74 -6.66
N GLY A 58 -2.80 -8.50 -5.55
CA GLY A 58 -1.60 -8.67 -4.75
C GLY A 58 -0.46 -9.35 -5.48
N LYS A 59 -0.76 -10.26 -6.44
CA LYS A 59 0.30 -10.87 -7.24
C LYS A 59 1.00 -9.83 -8.13
N ILE A 60 0.27 -8.79 -8.58
CA ILE A 60 0.87 -7.70 -9.35
C ILE A 60 1.76 -6.83 -8.44
N VAL A 61 1.27 -6.46 -7.24
CA VAL A 61 2.13 -5.79 -6.25
C VAL A 61 3.43 -6.56 -6.02
N ASP A 62 3.30 -7.89 -5.78
CA ASP A 62 4.50 -8.72 -5.52
C ASP A 62 5.50 -8.61 -6.67
N ALA A 63 5.00 -8.64 -7.93
CA ALA A 63 5.89 -8.64 -9.10
C ALA A 63 6.61 -7.30 -9.24
N VAL A 64 5.94 -6.19 -8.90
CA VAL A 64 6.59 -4.88 -8.94
C VAL A 64 7.71 -4.81 -7.90
N ILE A 65 7.43 -5.29 -6.66
CA ILE A 65 8.47 -5.32 -5.62
C ILE A 65 9.66 -6.21 -6.02
N GLN A 66 9.38 -7.41 -6.56
CA GLN A 66 10.45 -8.32 -6.97
C GLN A 66 11.33 -7.72 -8.06
N GLU A 67 10.73 -6.94 -8.99
CA GLU A 67 11.52 -6.36 -10.07
C GLU A 67 12.35 -5.17 -9.60
N HIS A 68 11.75 -4.26 -8.77
CA HIS A 68 12.40 -2.99 -8.43
C HIS A 68 13.21 -3.05 -7.13
N GLN A 69 12.95 -4.04 -6.28
CA GLN A 69 13.69 -4.28 -5.04
C GLN A 69 13.89 -3.02 -4.18
N PRO A 70 12.79 -2.38 -3.77
CA PRO A 70 12.92 -1.17 -2.93
C PRO A 70 13.46 -1.47 -1.54
N SER A 71 14.24 -0.51 -1.00
CA SER A 71 14.71 -0.54 0.39
C SER A 71 13.93 0.39 1.31
N VAL A 72 13.38 1.47 0.76
CA VAL A 72 12.58 2.42 1.53
C VAL A 72 11.23 2.56 0.78
N LEU A 73 10.17 2.04 1.37
CA LEU A 73 8.84 1.95 0.74
C LEU A 73 7.83 2.70 1.62
N LEU A 74 6.99 3.55 0.99
CA LEU A 74 5.93 4.28 1.70
C LEU A 74 4.57 3.75 1.24
N GLU A 75 3.68 3.48 2.21
CA GLU A 75 2.27 3.11 1.93
C GLU A 75 1.34 4.19 2.44
N LEU A 76 0.38 4.63 1.57
CA LEU A 76 -0.67 5.60 1.95
C LEU A 76 -1.98 4.79 2.07
N GLY A 77 -2.45 4.59 3.34
CA GLY A 77 -3.69 3.88 3.65
C GLY A 77 -3.40 2.43 4.07
N ALA A 78 -3.42 2.14 5.37
CA ALA A 78 -3.08 0.80 5.91
C ALA A 78 -4.30 -0.10 6.09
N TYR A 79 -5.43 0.46 6.56
CA TYR A 79 -6.67 -0.27 6.88
C TYR A 79 -6.44 -1.33 7.98
N CYS A 80 -6.46 -2.64 7.62
CA CYS A 80 -6.24 -3.70 8.61
C CYS A 80 -4.85 -4.33 8.51
N GLY A 81 -3.97 -3.83 7.66
CA GLY A 81 -2.60 -4.32 7.58
C GLY A 81 -2.33 -5.36 6.50
N TYR A 82 -3.35 -5.71 5.67
CA TYR A 82 -3.15 -6.76 4.66
C TYR A 82 -1.98 -6.43 3.72
N SER A 83 -2.02 -5.24 3.08
CA SER A 83 -0.97 -4.90 2.13
C SER A 83 0.38 -4.66 2.81
N ALA A 84 0.40 -4.13 4.04
CA ALA A 84 1.67 -3.97 4.75
C ALA A 84 2.33 -5.32 5.01
N VAL A 85 1.55 -6.33 5.43
CA VAL A 85 2.10 -7.68 5.63
C VAL A 85 2.57 -8.27 4.30
N ARG A 86 1.75 -8.09 3.24
CA ARG A 86 2.06 -8.70 1.95
C ARG A 86 3.37 -8.14 1.38
N MET A 87 3.57 -6.80 1.44
CA MET A 87 4.80 -6.23 0.91
C MET A 87 6.00 -6.52 1.82
N ALA A 88 5.81 -6.41 3.15
CA ALA A 88 6.95 -6.61 4.07
C ALA A 88 7.55 -7.99 3.93
N ARG A 89 6.75 -9.06 3.62
CA ARG A 89 7.30 -10.43 3.57
C ARG A 89 8.32 -10.55 2.43
N LEU A 90 8.32 -9.65 1.44
CA LEU A 90 9.25 -9.70 0.30
C LEU A 90 10.49 -8.83 0.47
N LEU A 91 10.61 -8.03 1.54
CA LEU A 91 11.71 -7.07 1.67
C LEU A 91 12.93 -7.72 2.31
N SER A 92 14.11 -7.14 2.03
CA SER A 92 15.36 -7.67 2.57
C SER A 92 15.60 -7.19 4.00
N PRO A 93 16.47 -7.86 4.76
CA PRO A 93 16.81 -7.37 6.11
C PRO A 93 17.33 -5.94 6.04
N GLY A 94 16.85 -5.09 6.96
CA GLY A 94 17.23 -3.69 6.98
C GLY A 94 16.36 -2.77 6.12
N ALA A 95 15.44 -3.31 5.31
CA ALA A 95 14.49 -2.46 4.55
C ALA A 95 13.46 -1.85 5.52
N ARG A 96 12.81 -0.79 5.07
CA ARG A 96 11.83 -0.09 5.90
C ARG A 96 10.57 0.12 5.07
N LEU A 97 9.44 -0.28 5.63
N LEU A 97 9.41 -0.25 5.62
CA LEU A 97 8.12 0.07 5.12
CA LEU A 97 8.11 0.10 5.05
C LEU A 97 7.53 1.07 6.12
C LEU A 97 7.39 1.03 6.03
N ILE A 98 7.26 2.31 5.66
CA ILE A 98 6.56 3.30 6.49
C ILE A 98 5.11 3.33 5.96
N THR A 99 4.13 3.11 6.85
CA THR A 99 2.71 3.13 6.43
C THR A 99 1.92 4.17 7.23
N ILE A 100 1.09 4.96 6.53
CA ILE A 100 0.37 6.07 7.14
C ILE A 100 -1.14 5.76 7.12
N GLU A 101 -1.80 5.90 8.26
CA GLU A 101 -3.23 5.58 8.42
C GLU A 101 -3.93 6.67 9.25
N ILE A 102 -5.00 7.30 8.68
CA ILE A 102 -5.70 8.42 9.33
C ILE A 102 -6.59 7.95 10.48
N ASN A 103 -7.12 6.72 10.45
CA ASN A 103 -8.13 6.32 11.41
C ASN A 103 -7.48 5.56 12.58
N PRO A 104 -7.64 6.03 13.84
CA PRO A 104 -6.96 5.34 14.97
C PRO A 104 -7.41 3.89 15.16
N ASP A 105 -8.71 3.56 14.96
CA ASP A 105 -9.15 2.18 15.19
C ASP A 105 -8.53 1.23 14.16
N CYS A 106 -8.42 1.68 12.90
CA CYS A 106 -7.74 0.87 11.90
C CYS A 106 -6.25 0.77 12.21
N ALA A 107 -5.63 1.88 12.66
CA ALA A 107 -4.21 1.79 13.01
C ALA A 107 -3.96 0.74 14.11
N ALA A 108 -4.84 0.66 15.11
CA ALA A 108 -4.65 -0.32 16.19
C ALA A 108 -4.76 -1.76 15.66
N ILE A 109 -5.69 -2.01 14.73
CA ILE A 109 -5.80 -3.35 14.09
C ILE A 109 -4.54 -3.65 13.27
N THR A 110 -4.08 -2.66 12.46
CA THR A 110 -2.88 -2.85 11.64
C THR A 110 -1.67 -3.27 12.49
N GLN A 111 -1.42 -2.58 13.63
CA GLN A 111 -0.25 -2.94 14.45
C GLN A 111 -0.39 -4.37 14.99
N ARG A 112 -1.58 -4.76 15.43
CA ARG A 112 -1.78 -6.16 15.88
C ARG A 112 -1.55 -7.18 14.77
N MET A 113 -2.01 -6.85 13.53
CA MET A 113 -1.88 -7.75 12.40
C MET A 113 -0.42 -7.90 12.01
N VAL A 114 0.33 -6.78 11.95
CA VAL A 114 1.77 -6.77 11.66
C VAL A 114 2.55 -7.55 12.73
N ASP A 115 2.23 -7.33 14.01
CA ASP A 115 2.89 -8.11 15.09
C ASP A 115 2.68 -9.60 14.92
N PHE A 116 1.41 -10.03 14.69
CA PHE A 116 1.05 -11.45 14.60
C PHE A 116 1.73 -12.12 13.42
N ALA A 117 1.87 -11.38 12.31
CA ALA A 117 2.42 -11.93 11.06
C ALA A 117 3.95 -12.09 11.10
N GLY A 118 4.63 -11.54 12.13
CA GLY A 118 6.08 -11.69 12.28
C GLY A 118 6.93 -10.62 11.58
N VAL A 119 6.32 -9.54 11.07
CA VAL A 119 7.01 -8.55 10.22
C VAL A 119 7.23 -7.20 10.92
N LYS A 120 7.04 -7.11 12.25
CA LYS A 120 7.05 -5.80 12.89
C LYS A 120 8.39 -5.08 12.74
N ASP A 121 9.51 -5.82 12.67
CA ASP A 121 10.81 -5.15 12.58
C ASP A 121 11.04 -4.41 11.25
N LYS A 122 10.19 -4.66 10.23
CA LYS A 122 10.31 -3.98 8.95
C LYS A 122 9.33 -2.82 8.82
N VAL A 123 8.38 -2.67 9.73
CA VAL A 123 7.26 -1.73 9.54
C VAL A 123 7.31 -0.60 10.57
N THR A 124 7.06 0.63 10.09
CA THR A 124 6.84 1.82 10.95
C THR A 124 5.46 2.36 10.63
N LEU A 125 4.50 2.18 11.55
CA LEU A 125 3.11 2.69 11.39
C LEU A 125 3.00 4.10 11.98
N VAL A 126 2.45 5.04 11.20
CA VAL A 126 2.25 6.44 11.62
C VAL A 126 0.75 6.74 11.57
N VAL A 127 0.19 7.20 12.70
CA VAL A 127 -1.21 7.60 12.78
C VAL A 127 -1.33 9.06 12.37
N GLY A 128 -2.06 9.32 11.29
CA GLY A 128 -2.26 10.70 10.83
C GLY A 128 -2.70 10.74 9.37
N ALA A 129 -3.01 11.96 8.90
CA ALA A 129 -3.33 12.15 7.47
C ALA A 129 -2.04 12.24 6.63
N SER A 130 -2.03 11.57 5.46
CA SER A 130 -0.92 11.60 4.51
C SER A 130 -0.39 13.02 4.26
N GLN A 131 -1.29 14.01 4.07
CA GLN A 131 -0.80 15.36 3.73
C GLN A 131 -0.13 16.07 4.92
N ASP A 132 -0.40 15.64 6.18
CA ASP A 132 0.32 16.19 7.33
C ASP A 132 1.66 15.50 7.55
N ILE A 133 1.76 14.19 7.27
CA ILE A 133 2.96 13.39 7.58
C ILE A 133 4.01 13.51 6.48
N ILE A 134 3.57 13.54 5.19
CA ILE A 134 4.53 13.62 4.09
C ILE A 134 5.59 14.73 4.28
N PRO A 135 5.23 15.98 4.66
CA PRO A 135 6.26 17.04 4.82
C PRO A 135 7.23 16.79 5.99
N GLN A 136 6.92 15.85 6.91
CA GLN A 136 7.76 15.48 8.04
C GLN A 136 8.70 14.30 7.78
N LEU A 137 8.57 13.61 6.62
CA LEU A 137 9.30 12.35 6.44
C LEU A 137 10.83 12.55 6.50
N LYS A 138 11.37 13.61 5.86
CA LYS A 138 12.84 13.80 5.92
C LYS A 138 13.35 14.08 7.33
N LYS A 139 12.77 15.06 8.02
CA LYS A 139 13.37 15.56 9.26
C LYS A 139 12.98 14.73 10.48
N LYS A 140 11.77 14.15 10.49
CA LYS A 140 11.30 13.34 11.62
C LYS A 140 11.51 11.85 11.42
N TYR A 141 11.57 11.35 10.16
CA TYR A 141 11.68 9.91 9.91
C TYR A 141 12.95 9.55 9.16
N ASP A 142 13.86 10.51 8.92
CA ASP A 142 15.20 10.24 8.35
C ASP A 142 15.16 9.75 6.89
N VAL A 143 14.07 10.01 6.16
CA VAL A 143 14.03 9.63 4.75
C VAL A 143 14.92 10.58 3.93
N ASP A 144 15.66 10.02 2.95
N ASP A 144 15.64 10.02 2.94
CA ASP A 144 16.29 10.83 1.90
CA ASP A 144 16.33 10.79 1.89
C ASP A 144 15.32 10.89 0.72
C ASP A 144 15.40 10.92 0.68
N THR A 145 15.35 9.88 -0.16
CA THR A 145 14.33 9.75 -1.21
C THR A 145 13.69 8.37 -1.09
N LEU A 146 12.47 8.27 -1.58
CA LEU A 146 11.72 7.01 -1.56
C LEU A 146 12.06 6.12 -2.75
N ASP A 147 12.13 4.79 -2.52
CA ASP A 147 12.28 3.86 -3.66
C ASP A 147 10.93 3.50 -4.31
N MET A 148 9.88 3.41 -3.51
CA MET A 148 8.56 3.03 -4.01
C MET A 148 7.49 3.60 -3.08
N VAL A 149 6.31 3.92 -3.66
CA VAL A 149 5.12 4.36 -2.92
C VAL A 149 3.95 3.52 -3.41
N PHE A 150 3.16 2.98 -2.46
CA PHE A 150 1.90 2.29 -2.76
C PHE A 150 0.76 3.25 -2.37
N LEU A 151 0.02 3.74 -3.36
CA LEU A 151 -1.12 4.68 -3.14
C LEU A 151 -2.40 3.86 -3.07
N ASP A 152 -3.10 3.88 -1.93
CA ASP A 152 -4.33 3.09 -1.75
C ASP A 152 -5.20 3.70 -0.63
N HIS A 153 -5.21 5.05 -0.53
CA HIS A 153 -6.09 5.79 0.40
C HIS A 153 -7.32 6.33 -0.36
N TRP A 154 -8.01 7.37 0.17
CA TRP A 154 -9.16 7.89 -0.59
C TRP A 154 -8.68 8.44 -1.94
N LYS A 155 -9.45 8.14 -3.03
CA LYS A 155 -8.89 8.34 -4.37
C LYS A 155 -8.72 9.84 -4.71
N ASP A 156 -9.49 10.73 -4.08
CA ASP A 156 -9.33 12.18 -4.28
C ASP A 156 -8.00 12.72 -3.72
N ARG A 157 -7.23 11.90 -2.97
CA ARG A 157 -5.91 12.29 -2.49
C ARG A 157 -4.77 11.86 -3.43
N TYR A 158 -5.01 10.98 -4.41
CA TYR A 158 -3.88 10.48 -5.21
C TYR A 158 -3.10 11.59 -5.88
N LEU A 159 -3.82 12.50 -6.62
CA LEU A 159 -3.11 13.57 -7.34
C LEU A 159 -2.49 14.59 -6.37
N PRO A 160 -3.22 15.16 -5.39
CA PRO A 160 -2.56 16.14 -4.52
C PRO A 160 -1.36 15.56 -3.74
N ASP A 161 -1.43 14.28 -3.28
CA ASP A 161 -0.29 13.70 -2.56
C ASP A 161 0.88 13.38 -3.49
N THR A 162 0.63 13.03 -4.77
CA THR A 162 1.71 12.87 -5.72
C THR A 162 2.45 14.20 -5.93
N LEU A 163 1.69 15.31 -6.10
CA LEU A 163 2.31 16.63 -6.23
C LEU A 163 3.07 17.02 -4.95
N LEU A 164 2.52 16.69 -3.77
CA LEU A 164 3.18 17.03 -2.51
C LEU A 164 4.50 16.24 -2.32
N LEU A 165 4.50 14.94 -2.67
CA LEU A 165 5.75 14.13 -2.64
C LEU A 165 6.84 14.79 -3.49
N GLU A 166 6.47 15.25 -4.69
CA GLU A 166 7.43 15.92 -5.58
C GLU A 166 7.94 17.24 -4.98
N GLU A 167 7.02 18.07 -4.49
N GLU A 167 7.02 18.06 -4.48
CA GLU A 167 7.38 19.37 -3.93
CA GLU A 167 7.34 19.38 -3.91
C GLU A 167 8.32 19.21 -2.73
C GLU A 167 8.25 19.26 -2.70
N CYS A 168 8.11 18.18 -1.91
CA CYS A 168 8.92 17.94 -0.72
C CYS A 168 10.26 17.28 -1.05
N GLY A 169 10.57 17.02 -2.32
CA GLY A 169 11.90 16.48 -2.66
C GLY A 169 12.08 15.00 -2.36
N LEU A 170 10.98 14.22 -2.29
CA LEU A 170 11.01 12.81 -1.89
C LEU A 170 11.13 11.83 -3.08
N LEU A 171 10.97 12.30 -4.31
CA LEU A 171 11.10 11.46 -5.51
C LEU A 171 12.49 11.66 -6.15
N ARG A 172 13.10 10.55 -6.60
CA ARG A 172 14.32 10.54 -7.42
C ARG A 172 14.04 9.86 -8.75
N LYS A 173 14.96 10.01 -9.73
CA LYS A 173 14.86 9.24 -10.98
C LYS A 173 14.76 7.77 -10.63
N GLY A 174 13.72 7.10 -11.10
CA GLY A 174 13.52 5.69 -10.79
C GLY A 174 12.56 5.39 -9.65
N THR A 175 12.12 6.40 -8.86
CA THR A 175 11.11 6.10 -7.84
C THR A 175 9.83 5.55 -8.48
N VAL A 176 9.31 4.45 -7.92
CA VAL A 176 8.12 3.77 -8.44
C VAL A 176 6.89 4.25 -7.66
N LEU A 177 5.88 4.82 -8.36
CA LEU A 177 4.54 4.99 -7.76
C LEU A 177 3.65 3.87 -8.28
N LEU A 178 2.98 3.14 -7.38
CA LEU A 178 2.03 2.07 -7.78
C LEU A 178 0.69 2.38 -7.13
N ALA A 179 -0.33 2.63 -7.97
CA ALA A 179 -1.66 3.10 -7.51
C ALA A 179 -2.73 2.01 -7.71
N ASP A 180 -3.46 1.66 -6.63
CA ASP A 180 -4.61 0.74 -6.70
C ASP A 180 -5.85 1.47 -7.26
N ASN A 181 -6.80 0.71 -7.84
CA ASN A 181 -8.17 1.19 -8.12
C ASN A 181 -8.20 2.29 -9.16
N VAL A 182 -7.32 2.25 -10.16
CA VAL A 182 -7.32 3.35 -11.13
C VAL A 182 -8.54 3.24 -12.04
N ILE A 183 -9.25 2.11 -12.08
CA ILE A 183 -10.50 1.96 -12.86
C ILE A 183 -11.74 1.99 -11.96
N CYS A 184 -11.73 1.21 -10.85
CA CYS A 184 -12.87 1.09 -9.95
C CYS A 184 -12.39 1.14 -8.50
N PRO A 185 -12.79 2.16 -7.67
CA PRO A 185 -13.71 3.27 -8.04
C PRO A 185 -13.15 4.26 -9.06
N GLY A 186 -11.85 4.25 -9.34
CA GLY A 186 -11.26 5.13 -10.35
C GLY A 186 -10.43 6.27 -9.73
N ALA A 187 -9.43 6.70 -10.47
CA ALA A 187 -8.59 7.85 -10.09
C ALA A 187 -8.23 8.61 -11.38
N PRO A 188 -9.25 9.17 -12.09
CA PRO A 188 -9.00 9.72 -13.45
C PRO A 188 -8.09 10.94 -13.47
N ASP A 189 -8.18 11.81 -12.46
N ASP A 189 -8.17 11.82 -12.46
CA ASP A 189 -7.32 13.00 -12.48
CA ASP A 189 -7.31 13.01 -12.50
C ASP A 189 -5.86 12.64 -12.27
C ASP A 189 -5.85 12.67 -12.23
N PHE A 190 -5.60 11.69 -11.36
CA PHE A 190 -4.25 11.16 -11.18
C PHE A 190 -3.74 10.53 -12.47
N LEU A 191 -4.56 9.66 -13.10
CA LEU A 191 -4.12 8.97 -14.32
C LEU A 191 -3.80 9.96 -15.44
N ALA A 192 -4.67 10.97 -15.66
CA ALA A 192 -4.42 11.90 -16.77
C ALA A 192 -3.13 12.67 -16.52
N HIS A 193 -2.84 13.00 -15.25
CA HIS A 193 -1.61 13.75 -14.94
C HIS A 193 -0.36 12.92 -15.23
N VAL A 194 -0.25 11.72 -14.64
CA VAL A 194 0.97 10.92 -14.80
C VAL A 194 1.15 10.47 -16.25
N ARG A 195 0.05 10.12 -16.94
CA ARG A 195 0.18 9.64 -18.32
C ARG A 195 0.54 10.78 -19.28
N GLY A 196 0.03 11.99 -19.06
CA GLY A 196 0.41 13.11 -19.93
C GLY A 196 1.74 13.78 -19.61
N SER A 197 2.27 13.60 -18.40
CA SER A 197 3.48 14.30 -17.98
C SER A 197 4.75 13.63 -18.50
N SER A 198 5.67 14.43 -19.05
CA SER A 198 6.99 13.92 -19.43
C SER A 198 7.82 13.49 -18.22
N CYS A 199 7.41 13.82 -17.01
CA CYS A 199 8.13 13.42 -15.78
C CYS A 199 7.82 12.00 -15.30
N PHE A 200 6.91 11.25 -15.95
CA PHE A 200 6.60 9.89 -15.53
C PHE A 200 6.54 8.98 -16.74
N GLU A 201 6.95 7.72 -16.56
N GLU A 201 6.98 7.73 -16.55
CA GLU A 201 6.80 6.66 -17.55
CA GLU A 201 6.79 6.65 -17.53
C GLU A 201 5.84 5.63 -16.98
C GLU A 201 5.81 5.65 -16.94
N CYS A 202 4.71 5.40 -17.64
CA CYS A 202 3.58 4.67 -17.05
C CYS A 202 3.31 3.32 -17.69
N THR A 203 2.88 2.36 -16.88
CA THR A 203 2.46 1.01 -17.31
C THR A 203 1.13 0.70 -16.62
N HIS A 204 0.13 0.22 -17.38
CA HIS A 204 -1.17 -0.17 -16.83
C HIS A 204 -1.26 -1.69 -16.67
N TYR A 205 -1.74 -2.13 -15.51
CA TYR A 205 -1.95 -3.56 -15.22
C TYR A 205 -3.45 -3.79 -14.99
N GLN A 206 -4.15 -4.35 -15.98
CA GLN A 206 -5.57 -4.63 -15.82
C GLN A 206 -5.81 -5.92 -15.02
N SER A 207 -6.82 -5.88 -14.12
CA SER A 207 -7.17 -7.00 -13.25
C SER A 207 -8.66 -6.93 -12.86
N PHE A 208 -8.98 -7.18 -11.58
CA PHE A 208 -10.36 -7.21 -11.10
C PHE A 208 -10.42 -6.57 -9.72
N LEU A 209 -11.61 -6.04 -9.37
CA LEU A 209 -11.88 -5.60 -8.00
C LEU A 209 -11.68 -6.75 -7.02
N GLU A 210 -11.01 -6.49 -5.87
CA GLU A 210 -10.70 -7.55 -4.88
C GLU A 210 -11.95 -8.41 -4.58
N TYR A 211 -11.75 -9.73 -4.67
CA TYR A 211 -12.75 -10.75 -4.28
C TYR A 211 -13.93 -10.84 -5.27
N ARG A 212 -13.93 -10.08 -6.39
CA ARG A 212 -15.13 -9.90 -7.22
C ARG A 212 -14.73 -9.95 -8.68
N GLU A 213 -15.70 -9.67 -9.58
CA GLU A 213 -15.49 -9.81 -11.03
C GLU A 213 -15.63 -8.49 -11.82
N VAL A 214 -16.00 -7.39 -11.16
CA VAL A 214 -15.88 -6.06 -11.75
C VAL A 214 -14.43 -5.81 -12.19
N VAL A 215 -14.25 -5.19 -13.38
CA VAL A 215 -12.90 -4.90 -13.88
C VAL A 215 -12.24 -3.78 -13.07
N ASP A 216 -10.95 -3.94 -12.75
CA ASP A 216 -10.19 -2.88 -12.06
C ASP A 216 -8.79 -2.90 -12.68
N GLY A 217 -7.90 -2.04 -12.18
CA GLY A 217 -6.50 -2.04 -12.63
C GLY A 217 -5.63 -1.24 -11.68
N LEU A 218 -4.30 -1.42 -11.82
CA LEU A 218 -3.29 -0.60 -11.14
C LEU A 218 -2.48 0.15 -12.18
N GLU A 219 -1.93 1.30 -11.78
CA GLU A 219 -0.99 2.02 -12.65
C GLU A 219 0.37 2.11 -11.97
N LYS A 220 1.43 1.74 -12.70
CA LYS A 220 2.81 1.97 -12.27
C LYS A 220 3.36 3.20 -12.98
N ALA A 221 3.81 4.21 -12.23
CA ALA A 221 4.30 5.47 -12.81
C ALA A 221 5.73 5.70 -12.26
N ILE A 222 6.76 5.61 -13.12
CA ILE A 222 8.18 5.69 -12.71
C ILE A 222 8.63 7.12 -12.93
N TYR A 223 9.15 7.78 -11.89
CA TYR A 223 9.54 9.19 -11.98
C TYR A 223 10.82 9.33 -12.80
N LYS A 224 10.86 10.37 -13.67
CA LYS A 224 11.99 10.63 -14.57
C LYS A 224 12.79 11.87 -14.21
N GLY A 225 12.48 12.54 -13.11
CA GLY A 225 13.18 13.76 -12.78
C GLY A 225 12.39 14.97 -13.24
N PRO A 226 12.63 16.13 -12.59
CA PRO A 226 11.90 17.39 -12.78
C PRO A 226 12.20 18.08 -14.12
MG MG B . -7.75 -0.33 -2.99
N SAM C . -3.73 -0.72 1.42
CA SAM C . -4.64 -1.49 2.33
C SAM C . -4.67 -2.99 1.91
O SAM C . -4.57 -3.25 0.71
OXT SAM C . -4.72 -3.82 2.85
CB SAM C . -6.15 -1.00 2.15
CG SAM C . -6.29 0.52 2.49
SD SAM C . -8.06 1.01 2.45
CE SAM C . -8.41 0.82 0.72
C5' SAM C . -7.94 2.87 2.51
C4' SAM C . -7.50 3.45 3.84
O4' SAM C . -7.04 4.79 3.65
C3' SAM C . -8.58 3.47 4.97
O3' SAM C . -8.11 2.66 6.10
C2' SAM C . -8.65 5.00 5.34
O2' SAM C . -8.94 5.31 6.68
C1' SAM C . -7.24 5.49 4.93
N9 SAM C . -7.16 6.90 4.59
C8 SAM C . -8.07 7.73 3.89
N7 SAM C . -7.57 8.95 3.71
C5 SAM C . -6.30 8.93 4.28
C6 SAM C . -5.29 9.92 4.36
N6 SAM C . -5.44 11.22 3.88
N1 SAM C . -4.09 9.56 4.95
C2 SAM C . -3.98 8.27 5.45
N3 SAM C . -4.89 7.28 5.42
C4 SAM C . -6.03 7.66 4.80
C1 DNC D . -10.70 -0.38 -2.93
O1 DNC D . -9.64 -1.25 -3.18
C2 DNC D . -10.35 0.83 -2.26
O2 DNC D . -9.07 1.04 -2.02
C3 DNC D . -11.45 1.74 -1.92
N1 DNC D . -11.23 2.98 -1.21
O3 DNC D . -10.11 3.27 -0.77
O4 DNC D . -12.18 3.77 -1.11
C4 DNC D . -12.75 1.44 -2.30
C5 DNC D . -13.02 0.25 -2.96
N2 DNC D . -14.43 -0.02 -3.35
O5 DNC D . -15.27 0.78 -3.05
O6 DNC D . -14.65 -1.00 -4.07
C6 DNC D . -12.01 -0.67 -3.29
#